data_5ARG
#
_entry.id   5ARG
#
_cell.length_a   52.343
_cell.length_b   69.600
_cell.length_c   131.115
_cell.angle_alpha   90.00
_cell.angle_beta   90.00
_cell.angle_gamma   90.00
#
_symmetry.space_group_name_H-M   'P 21 21 21'
#
loop_
_entity.id
_entity.type
_entity.pdbx_description
1 polymer 'N-LYSINE METHYLTRANSFERASE SMYD2'
2 non-polymer 'ZINC ION'
3 non-polymer "N-[1-(N'-CYANO-N-[3-(DIFLUOROMETHOXY)PHENYL]CARBAMIMIDOYL)-3-(3,4-DICHLOROPHENYL)-4,5-DIHYDRO-1H-PYRAZOL-4-YL]-N-ETHYL-2-HYDROXYACETAMIDE"
4 non-polymer GLYCEROL
5 non-polymer S-ADENOSYLMETHIONINE
6 water water
#
_entity_poly.entity_id   1
_entity_poly.type   'polypeptide(L)'
_entity_poly.pdbx_seq_one_letter_code
;GRAEGLGGLERFCSPGKGRGLRALQPFQVGDLLFSCPAYAYVLTVNERGNHCEYCFTRKEGLSKCGRCKQAFYCNVECQK
EDWPMHKLECSPMVVFGENWNPSETVRLTARILAKQKIHPERTPSEKLLAVKEFESHLDKLDNEKKDLIQSDIAALHHFY
SKHLGFPDNDSLVVLFAQVNCNGFTIEDEELSHLGSAIFPDVALMNHSCCPNVIVTYKGTLAEVRAVQEIKPGEEVFTSY
IDLLYPTEDRNDRLRDSYFFTCECQECTTKDKDKAKVEIRKLSDPPKAEAIRDMVRYARNVIEEFRRAKHYKSPSELLEI
CELSQEKMSSVFEDSNVYMLHMMYQAMGVCLYMQDWEGALQYGQKIIKPYSKHYPLYSLNVASMWLKLGRLYMGLEHKAA
GEKALKKAIAIMEVAHGKDHPYISEIKQEIESH
;
_entity_poly.pdbx_strand_id   A
#
# COMPACT_ATOMS: atom_id res chain seq x y z
N LEU A 6 22.69 -2.50 -6.01
CA LEU A 6 22.33 -2.25 -7.48
C LEU A 6 23.59 -2.29 -8.34
N GLY A 7 23.58 -3.16 -9.36
CA GLY A 7 24.82 -3.54 -10.00
C GLY A 7 25.12 -4.94 -9.58
N GLY A 8 24.90 -5.22 -8.29
CA GLY A 8 24.64 -6.59 -7.85
C GLY A 8 23.56 -7.22 -8.76
N LEU A 9 22.85 -6.39 -9.52
CA LEU A 9 21.81 -6.88 -10.43
C LEU A 9 21.86 -6.13 -11.76
N GLU A 10 20.95 -6.52 -12.66
CA GLU A 10 20.77 -5.84 -13.93
C GLU A 10 19.35 -6.12 -14.51
N ARG A 11 18.92 -5.29 -15.47
CA ARG A 11 17.61 -5.40 -16.16
C ARG A 11 17.78 -6.38 -17.27
N PHE A 12 16.68 -6.91 -17.79
CA PHE A 12 16.75 -7.87 -18.86
C PHE A 12 15.32 -7.96 -19.34
N CYS A 13 15.09 -8.40 -20.58
CA CYS A 13 13.78 -8.18 -21.21
CA CYS A 13 13.78 -8.18 -21.21
C CYS A 13 12.85 -9.37 -21.03
N SER A 14 12.77 -9.80 -19.78
CA SER A 14 12.13 -11.03 -19.34
C SER A 14 10.84 -11.42 -20.05
N PRO A 15 10.73 -12.69 -20.53
CA PRO A 15 9.62 -13.23 -21.36
C PRO A 15 8.20 -13.27 -20.87
N GLY A 16 7.24 -12.81 -21.69
CA GLY A 16 5.81 -12.73 -21.28
C GLY A 16 5.66 -11.59 -20.25
N LYS A 17 6.81 -11.03 -19.87
CA LYS A 17 6.87 -10.14 -18.69
C LYS A 17 7.33 -8.70 -18.99
N GLY A 18 7.28 -8.25 -20.25
CA GLY A 18 7.95 -7.02 -20.60
C GLY A 18 9.33 -6.99 -19.96
N ARG A 19 9.73 -5.87 -19.36
CA ARG A 19 11.01 -5.82 -18.64
C ARG A 19 10.84 -6.18 -17.18
N GLY A 20 11.93 -6.68 -16.60
CA GLY A 20 12.05 -6.96 -15.17
C GLY A 20 13.50 -6.91 -14.68
N LEU A 21 13.76 -7.38 -13.45
CA LEU A 21 15.05 -7.22 -12.77
C LEU A 21 15.63 -8.60 -12.46
N ARG A 22 16.94 -8.81 -12.65
CA ARG A 22 17.55 -10.13 -12.45
C ARG A 22 18.75 -10.06 -11.53
N ALA A 23 18.86 -11.05 -10.66
CA ALA A 23 19.99 -11.14 -9.76
C ALA A 23 21.23 -11.66 -10.49
N LEU A 24 22.38 -11.01 -10.25
CA LEU A 24 23.71 -11.47 -10.71
C LEU A 24 24.49 -12.19 -9.60
N GLN A 25 23.87 -12.35 -8.47
CA GLN A 25 24.57 -12.83 -7.30
C GLN A 25 23.53 -13.35 -6.33
N PRO A 26 23.96 -14.13 -5.35
CA PRO A 26 22.96 -14.68 -4.46
C PRO A 26 22.54 -13.62 -3.46
N PHE A 27 21.26 -13.65 -3.06
CA PHE A 27 20.83 -12.93 -1.87
C PHE A 27 20.22 -13.89 -0.84
N GLN A 28 20.62 -13.72 0.41
CA GLN A 28 20.04 -14.46 1.54
C GLN A 28 18.78 -13.77 2.01
N VAL A 29 17.91 -14.50 2.70
CA VAL A 29 16.79 -13.91 3.39
C VAL A 29 17.31 -12.76 4.29
N GLY A 30 16.68 -11.60 4.19
CA GLY A 30 17.07 -10.43 4.96
C GLY A 30 18.00 -9.45 4.24
N ASP A 31 18.62 -9.88 3.16
CA ASP A 31 19.57 -9.03 2.48
C ASP A 31 18.93 -7.82 1.73
N LEU A 32 19.63 -6.71 1.71
CA LEU A 32 19.17 -5.52 1.04
C LEU A 32 19.65 -5.60 -0.37
N LEU A 33 18.72 -5.87 -1.27
CA LEU A 33 18.99 -5.90 -2.71
C LEU A 33 19.38 -4.54 -3.29
N PHE A 34 18.52 -3.54 -3.07
CA PHE A 34 18.79 -2.13 -3.43
C PHE A 34 17.75 -1.28 -2.78
N SER A 35 17.93 0.03 -2.87
CA SER A 35 16.95 1.01 -2.39
C SER A 35 16.87 2.14 -3.40
N CYS A 36 15.81 2.92 -3.29
CA CYS A 36 15.46 3.84 -4.36
C CYS A 36 14.80 5.09 -3.77
N PRO A 37 15.49 6.24 -3.88
CA PRO A 37 14.95 7.47 -3.30
C PRO A 37 13.78 7.91 -4.15
N ALA A 38 12.77 8.51 -3.55
CA ALA A 38 11.54 8.73 -4.23
C ALA A 38 11.76 9.76 -5.34
N TYR A 39 11.21 9.54 -6.52
CA TYR A 39 11.40 10.48 -7.61
C TYR A 39 10.46 11.67 -7.40
N ALA A 40 9.25 11.33 -6.95
CA ALA A 40 8.26 12.28 -6.53
C ALA A 40 7.40 11.59 -5.51
N TYR A 41 6.84 12.39 -4.63
CA TYR A 41 6.05 11.86 -3.54
C TYR A 41 5.18 12.96 -2.98
N VAL A 42 4.17 12.48 -2.27
CA VAL A 42 3.28 13.35 -1.53
C VAL A 42 2.75 12.72 -0.27
N LEU A 43 2.63 13.57 0.74
CA LEU A 43 2.11 13.18 2.02
C LEU A 43 0.61 13.23 1.93
N THR A 44 -0.08 12.20 2.38
CA THR A 44 -1.53 12.11 2.15
C THR A 44 -2.18 13.22 2.99
N VAL A 45 -3.30 13.77 2.49
CA VAL A 45 -3.94 14.95 3.12
C VAL A 45 -4.32 14.71 4.58
N ASN A 46 -4.77 13.51 4.93
CA ASN A 46 -5.16 13.26 6.34
C ASN A 46 -3.98 13.16 7.29
N GLU A 47 -2.77 13.04 6.78
CA GLU A 47 -1.59 13.07 7.67
C GLU A 47 -0.96 14.48 7.89
N ARG A 48 -1.61 15.48 7.31
CA ARG A 48 -1.21 16.88 7.50
CA ARG A 48 -1.19 16.86 7.51
C ARG A 48 -1.31 17.21 8.99
N GLY A 49 -0.24 17.79 9.51
CA GLY A 49 -0.14 18.10 10.94
C GLY A 49 0.57 17.02 11.75
N ASN A 50 0.65 15.80 11.24
CA ASN A 50 1.29 14.71 11.98
C ASN A 50 2.68 14.35 11.51
N HIS A 51 2.90 14.44 10.22
CA HIS A 51 4.20 14.06 9.60
C HIS A 51 4.73 15.25 8.82
N CYS A 52 6.05 15.35 8.76
CA CYS A 52 6.70 16.33 7.95
C CYS A 52 6.35 16.02 6.47
N GLU A 53 5.98 17.01 5.70
CA GLU A 53 5.68 16.79 4.27
C GLU A 53 6.95 16.50 3.44
N TYR A 54 8.12 16.77 3.97
CA TYR A 54 9.32 16.51 3.22
C TYR A 54 9.93 15.13 3.48
N CYS A 55 10.10 14.76 4.74
CA CYS A 55 10.79 13.52 5.05
C CYS A 55 9.89 12.47 5.62
N PHE A 56 8.66 12.82 5.95
CA PHE A 56 7.66 11.93 6.49
C PHE A 56 7.89 11.55 7.92
N THR A 57 8.79 12.23 8.67
CA THR A 57 8.89 11.93 10.10
C THR A 57 7.66 12.40 10.91
N ARG A 58 7.20 11.56 11.82
CA ARG A 58 6.16 11.91 12.78
CA ARG A 58 6.15 11.97 12.76
C ARG A 58 6.76 12.79 13.91
N LYS A 59 6.15 13.93 14.23
CA LYS A 59 6.60 14.76 15.28
C LYS A 59 5.42 15.41 15.96
N GLU A 60 5.54 15.65 17.27
CA GLU A 60 4.55 16.43 17.99
C GLU A 60 4.71 17.87 17.63
N GLY A 61 5.94 18.29 17.33
CA GLY A 61 6.27 19.71 17.20
C GLY A 61 6.71 20.00 15.80
N LEU A 62 5.80 20.51 15.00
CA LEU A 62 6.04 20.70 13.61
C LEU A 62 5.93 22.18 13.36
N SER A 63 6.83 22.68 12.53
CA SER A 63 6.78 24.09 12.22
C SER A 63 5.92 24.17 10.94
N LYS A 64 5.04 25.17 10.92
CA LYS A 64 3.98 25.33 9.93
C LYS A 64 4.48 26.18 8.84
N CYS A 65 3.90 26.02 7.67
CA CYS A 65 4.15 27.00 6.63
C CYS A 65 3.33 28.24 6.95
N GLY A 66 4.01 29.37 7.12
CA GLY A 66 3.32 30.57 7.49
C GLY A 66 2.48 31.03 6.31
N ARG A 67 2.95 30.66 5.14
CA ARG A 67 2.41 31.18 3.93
C ARG A 67 0.98 30.69 3.78
N CYS A 68 0.81 29.37 3.75
CA CYS A 68 -0.53 28.86 3.58
C CYS A 68 -1.08 28.20 4.83
N LYS A 69 -0.31 28.23 5.93
CA LYS A 69 -0.67 27.58 7.22
C LYS A 69 -1.32 26.19 7.08
N GLN A 70 -0.91 25.45 6.06
CA GLN A 70 -1.50 24.17 5.78
C GLN A 70 -0.47 23.13 5.30
N ALA A 71 0.80 23.34 5.66
CA ALA A 71 1.82 22.30 5.51
C ALA A 71 2.87 22.42 6.62
N PHE A 72 3.33 21.27 7.10
CA PHE A 72 4.11 21.18 8.33
C PHE A 72 5.41 20.44 8.04
N TYR A 73 6.44 20.84 8.77
CA TYR A 73 7.82 20.39 8.56
C TYR A 73 8.62 20.25 9.90
N CYS A 74 9.63 19.40 9.86
CA CYS A 74 10.56 19.18 10.93
C CYS A 74 11.17 20.54 11.36
N ASN A 75 11.53 21.38 10.41
CA ASN A 75 12.34 22.55 10.64
C ASN A 75 12.53 23.25 9.31
N VAL A 76 13.11 24.42 9.31
CA VAL A 76 13.24 25.23 8.10
CA VAL A 76 13.33 25.26 8.13
C VAL A 76 13.98 24.55 6.95
N GLU A 77 14.90 23.64 7.20
CA GLU A 77 15.48 22.89 6.07
C GLU A 77 14.44 21.99 5.35
N CYS A 78 13.64 21.23 6.09
CA CYS A 78 12.61 20.39 5.46
C CYS A 78 11.67 21.24 4.63
N GLN A 79 11.27 22.36 5.21
CA GLN A 79 10.38 23.30 4.55
C GLN A 79 10.97 23.85 3.26
N LYS A 80 12.21 24.37 3.35
CA LYS A 80 12.94 24.86 2.18
C LYS A 80 13.07 23.78 1.09
N GLU A 81 13.47 22.57 1.47
CA GLU A 81 13.64 21.47 0.52
C GLU A 81 12.33 21.06 -0.15
N ASP A 82 11.22 21.18 0.55
CA ASP A 82 9.94 20.81 -0.07
C ASP A 82 9.37 21.93 -0.91
N TRP A 83 9.93 23.15 -0.84
CA TRP A 83 9.29 24.32 -1.43
C TRP A 83 8.96 24.16 -2.90
N PRO A 84 9.91 23.71 -3.72
CA PRO A 84 9.61 23.58 -5.15
C PRO A 84 8.39 22.76 -5.48
N MET A 85 8.10 21.79 -4.64
CA MET A 85 6.91 21.00 -4.81
C MET A 85 5.75 21.66 -4.08
N HIS A 86 5.98 22.23 -2.90
CA HIS A 86 4.86 22.69 -2.11
C HIS A 86 4.25 23.95 -2.72
N LYS A 87 5.08 24.69 -3.46
CA LYS A 87 4.62 25.85 -4.22
C LYS A 87 3.57 25.54 -5.26
N LEU A 88 3.49 24.28 -5.72
CA LEU A 88 2.45 23.94 -6.66
C LEU A 88 1.07 24.10 -5.97
N GLU A 89 1.04 23.90 -4.65
CA GLU A 89 -0.20 23.86 -3.85
C GLU A 89 -0.32 25.03 -2.87
N CYS A 90 0.75 25.73 -2.56
CA CYS A 90 0.69 26.75 -1.47
C CYS A 90 -0.37 27.82 -1.70
N SER A 91 -0.28 28.63 -2.78
CA SER A 91 -1.24 29.72 -2.95
C SER A 91 -2.60 29.23 -3.47
N PRO A 92 -2.63 28.18 -4.30
CA PRO A 92 -3.95 27.71 -4.74
C PRO A 92 -4.85 27.15 -3.61
N MET A 93 -4.25 26.59 -2.56
CA MET A 93 -5.03 26.15 -1.40
C MET A 93 -5.77 27.36 -0.81
N VAL A 94 -5.15 28.52 -0.90
CA VAL A 94 -5.82 29.73 -0.40
C VAL A 94 -6.91 30.26 -1.33
N VAL A 95 -6.64 30.31 -2.63
CA VAL A 95 -7.68 30.75 -3.55
C VAL A 95 -8.86 29.79 -3.44
N PHE A 96 -8.56 28.50 -3.27
CA PHE A 96 -9.61 27.52 -3.35
C PHE A 96 -10.24 27.25 -2.02
N GLY A 97 -9.48 27.38 -0.93
CA GLY A 97 -9.93 26.99 0.41
C GLY A 97 -10.68 25.66 0.49
N GLU A 98 -11.89 25.69 1.06
CA GLU A 98 -12.79 24.54 1.10
C GLU A 98 -12.77 23.72 -0.18
N ASN A 99 -12.77 24.37 -1.34
CA ASN A 99 -12.90 23.69 -2.65
C ASN A 99 -11.60 23.13 -3.21
N TRP A 100 -10.49 23.32 -2.49
CA TRP A 100 -9.24 22.66 -2.84
C TRP A 100 -9.38 21.20 -2.41
N ASN A 101 -9.54 20.34 -3.40
CA ASN A 101 -9.61 18.94 -3.14
C ASN A 101 -9.26 18.05 -4.34
N PRO A 102 -8.04 18.21 -4.90
CA PRO A 102 -7.55 17.25 -5.90
C PRO A 102 -7.27 15.86 -5.31
N SER A 103 -7.54 14.82 -6.08
CA SER A 103 -7.20 13.47 -5.70
C SER A 103 -5.68 13.40 -5.51
N GLU A 104 -5.27 12.35 -4.83
CA GLU A 104 -3.85 12.16 -4.48
C GLU A 104 -3.03 11.88 -5.72
N THR A 105 -3.69 11.20 -6.67
CA THR A 105 -3.13 10.96 -7.96
C THR A 105 -2.85 12.25 -8.76
N VAL A 106 -3.74 13.21 -8.68
CA VAL A 106 -3.50 14.49 -9.36
C VAL A 106 -2.34 15.21 -8.67
N ARG A 107 -2.36 15.17 -7.34
CA ARG A 107 -1.29 15.83 -6.53
C ARG A 107 0.05 15.22 -6.85
N LEU A 108 0.12 13.89 -7.05
CA LEU A 108 1.39 13.25 -7.33
C LEU A 108 1.83 13.55 -8.74
N THR A 109 0.87 13.53 -9.66
CA THR A 109 1.18 13.76 -11.05
C THR A 109 1.65 15.19 -11.30
N ALA A 110 1.10 16.11 -10.56
CA ALA A 110 1.55 17.49 -10.66
C ALA A 110 3.01 17.58 -10.29
N ARG A 111 3.42 16.88 -9.24
CA ARG A 111 4.80 16.93 -8.79
CA ARG A 111 4.80 16.91 -8.79
C ARG A 111 5.72 16.25 -9.79
N ILE A 112 5.29 15.17 -10.44
CA ILE A 112 6.10 14.60 -11.51
C ILE A 112 6.42 15.65 -12.60
N LEU A 113 5.41 16.38 -13.04
CA LEU A 113 5.56 17.35 -14.09
C LEU A 113 6.50 18.45 -13.64
N ALA A 114 6.37 18.87 -12.41
CA ALA A 114 7.32 19.90 -11.94
C ALA A 114 8.73 19.32 -11.93
N LYS A 115 8.84 18.06 -11.54
CA LYS A 115 10.14 17.40 -11.54
C LYS A 115 10.74 17.31 -12.91
N GLN A 116 9.94 16.92 -13.92
CA GLN A 116 10.48 16.82 -15.26
C GLN A 116 10.99 18.17 -15.79
N LYS A 117 10.23 19.22 -15.54
CA LYS A 117 10.66 20.58 -15.84
C LYS A 117 11.94 20.93 -15.06
N ILE A 118 11.90 20.85 -13.74
CA ILE A 118 13.10 21.23 -12.93
C ILE A 118 14.35 20.37 -13.20
N HIS A 119 14.16 19.09 -13.51
CA HIS A 119 15.24 18.10 -13.62
C HIS A 119 14.91 17.11 -14.72
N PRO A 120 15.03 17.53 -15.98
CA PRO A 120 14.77 16.64 -17.12
C PRO A 120 15.68 15.44 -17.26
N GLU A 121 16.88 15.48 -16.67
CA GLU A 121 17.84 14.44 -16.94
C GLU A 121 17.52 13.24 -16.04
N ARG A 122 18.15 12.11 -16.30
CA ARG A 122 17.98 10.94 -15.44
C ARG A 122 18.41 11.27 -14.01
N THR A 123 17.63 10.86 -13.03
CA THR A 123 17.91 11.10 -11.63
C THR A 123 18.47 9.84 -11.01
N PRO A 124 18.99 9.91 -9.77
CA PRO A 124 19.42 8.67 -9.07
C PRO A 124 18.31 7.69 -8.80
N SER A 125 17.08 8.14 -8.93
CA SER A 125 15.94 7.27 -8.76
C SER A 125 15.70 6.34 -9.99
N GLU A 126 16.46 6.55 -11.08
CA GLU A 126 16.15 5.92 -12.38
C GLU A 126 17.34 5.25 -12.99
N LYS A 127 18.03 4.46 -12.23
CA LYS A 127 19.26 3.81 -12.70
C LYS A 127 19.00 2.74 -13.75
N LEU A 128 17.78 2.22 -13.76
CA LEU A 128 17.44 1.09 -14.62
C LEU A 128 16.13 1.27 -15.34
N LEU A 129 15.22 2.02 -14.78
CA LEU A 129 13.99 2.32 -15.47
C LEU A 129 13.74 3.82 -15.31
N ALA A 130 13.62 4.50 -16.43
CA ALA A 130 13.27 5.92 -16.38
C ALA A 130 11.76 6.10 -16.34
N VAL A 131 11.33 7.20 -15.75
CA VAL A 131 9.91 7.55 -15.73
C VAL A 131 9.37 7.59 -17.17
N LYS A 132 10.14 8.18 -18.08
CA LYS A 132 9.70 8.33 -19.47
C LYS A 132 9.46 6.99 -20.12
N GLU A 133 10.13 5.95 -19.66
CA GLU A 133 9.98 4.60 -20.21
C GLU A 133 8.88 3.76 -19.56
N PHE A 134 8.14 4.31 -18.58
CA PHE A 134 7.19 3.50 -17.87
C PHE A 134 6.18 2.89 -18.85
N GLU A 135 5.86 1.62 -18.63
CA GLU A 135 4.73 0.98 -19.27
C GLU A 135 3.48 1.75 -18.87
N SER A 136 2.61 1.98 -19.84
CA SER A 136 1.35 2.66 -19.65
C SER A 136 0.13 1.84 -20.00
N HIS A 137 0.29 0.85 -20.91
CA HIS A 137 -0.81 0.06 -21.39
C HIS A 137 -1.89 0.95 -21.95
N LEU A 138 -1.51 2.04 -22.59
CA LEU A 138 -2.50 2.95 -23.19
C LEU A 138 -3.50 2.20 -24.07
N ASP A 139 -2.95 1.28 -24.86
CA ASP A 139 -3.70 0.54 -25.91
C ASP A 139 -4.74 -0.45 -25.32
N LYS A 140 -4.66 -0.70 -24.01
CA LYS A 140 -5.56 -1.60 -23.28
C LYS A 140 -6.64 -0.90 -22.46
N LEU A 141 -6.57 0.45 -22.34
CA LEU A 141 -7.50 1.13 -21.46
C LEU A 141 -8.80 1.19 -22.14
N ASP A 142 -9.88 0.91 -21.41
CA ASP A 142 -11.21 1.06 -22.00
C ASP A 142 -11.79 2.46 -21.75
N ASN A 143 -12.94 2.73 -22.37
CA ASN A 143 -13.57 4.05 -22.26
C ASN A 143 -13.60 4.56 -20.83
N GLU A 144 -14.10 3.71 -19.94
CA GLU A 144 -14.20 4.01 -18.50
C GLU A 144 -12.87 4.49 -17.85
N LYS A 145 -11.79 3.78 -18.14
CA LYS A 145 -10.50 4.13 -17.59
C LYS A 145 -10.00 5.39 -18.26
N LYS A 146 -10.30 5.60 -19.55
CA LYS A 146 -9.88 6.84 -20.23
C LYS A 146 -10.66 7.98 -19.64
N ASP A 147 -11.93 7.71 -19.35
CA ASP A 147 -12.77 8.74 -18.78
C ASP A 147 -12.28 9.20 -17.44
N LEU A 148 -11.90 8.26 -16.59
CA LEU A 148 -11.33 8.62 -15.29
C LEU A 148 -10.06 9.44 -15.38
N ILE A 149 -9.21 9.09 -16.34
CA ILE A 149 -7.94 9.83 -16.50
C ILE A 149 -8.27 11.26 -16.96
N GLN A 150 -9.21 11.39 -17.90
CA GLN A 150 -9.68 12.73 -18.34
C GLN A 150 -10.15 13.62 -17.20
N SER A 151 -10.97 13.07 -16.29
CA SER A 151 -11.29 13.77 -15.04
C SER A 151 -10.02 14.22 -14.37
N ASP A 152 -9.13 13.27 -14.20
CA ASP A 152 -7.87 13.65 -13.52
C ASP A 152 -7.17 14.82 -14.23
N ILE A 153 -7.09 14.80 -15.57
CA ILE A 153 -6.48 15.89 -16.34
C ILE A 153 -7.21 17.19 -16.09
N ALA A 154 -8.55 17.10 -16.08
CA ALA A 154 -9.40 18.27 -15.86
C ALA A 154 -9.07 18.90 -14.51
N ALA A 155 -9.07 18.06 -13.47
CA ALA A 155 -8.68 18.48 -12.12
C ALA A 155 -7.31 19.13 -12.01
N LEU A 156 -6.31 18.50 -12.63
CA LEU A 156 -4.96 19.01 -12.66
C LEU A 156 -4.91 20.42 -13.19
N HIS A 157 -5.46 20.64 -14.39
CA HIS A 157 -5.51 21.99 -15.00
C HIS A 157 -6.16 23.00 -14.09
N HIS A 158 -7.31 22.60 -13.57
CA HIS A 158 -8.14 23.41 -12.69
C HIS A 158 -7.43 23.82 -11.44
N PHE A 159 -6.69 22.89 -10.83
CA PHE A 159 -6.09 23.20 -9.53
C PHE A 159 -4.64 23.73 -9.56
N TYR A 160 -3.86 23.35 -10.57
CA TYR A 160 -2.40 23.57 -10.59
C TYR A 160 -1.89 24.55 -11.64
N SER A 161 -2.79 25.21 -12.35
CA SER A 161 -2.45 26.18 -13.38
CA SER A 161 -2.35 26.11 -13.41
C SER A 161 -1.65 27.37 -12.88
N LYS A 162 -1.81 27.70 -11.60
CA LYS A 162 -1.17 28.93 -11.16
C LYS A 162 0.32 28.89 -11.43
N HIS A 163 0.99 27.80 -11.00
CA HIS A 163 2.46 27.69 -11.20
C HIS A 163 2.93 26.52 -12.05
N LEU A 164 2.04 25.78 -12.68
CA LEU A 164 2.47 24.70 -13.54
C LEU A 164 1.91 24.89 -14.97
N GLY A 165 2.74 24.68 -15.99
CA GLY A 165 2.26 24.62 -17.39
C GLY A 165 2.13 23.12 -17.74
N PHE A 166 1.45 22.80 -18.83
CA PHE A 166 1.18 21.41 -19.22
C PHE A 166 1.51 21.03 -20.62
N PRO A 167 1.68 19.73 -20.85
CA PRO A 167 1.86 19.28 -22.21
C PRO A 167 0.51 18.98 -22.80
N ASP A 168 0.46 18.53 -24.05
CA ASP A 168 -0.84 18.24 -24.64
C ASP A 168 -1.58 17.11 -23.96
N ASN A 169 -2.82 16.90 -24.37
CA ASN A 169 -3.66 15.96 -23.70
C ASN A 169 -3.16 14.50 -23.81
N ASP A 170 -2.92 14.04 -25.03
CA ASP A 170 -2.30 12.73 -25.20
C ASP A 170 -1.05 12.52 -24.37
N SER A 171 -0.22 13.53 -24.10
CA SER A 171 0.99 13.23 -23.31
C SER A 171 0.62 12.93 -21.89
N LEU A 172 -0.47 13.61 -21.46
CA LEU A 172 -1.01 13.55 -20.10
C LEU A 172 -1.77 12.31 -19.86
N VAL A 173 -2.48 11.86 -20.89
CA VAL A 173 -3.17 10.64 -20.74
C VAL A 173 -2.08 9.62 -20.54
N VAL A 174 -0.97 9.76 -21.23
CA VAL A 174 0.06 8.74 -21.12
C VAL A 174 0.61 8.71 -19.72
N LEU A 175 0.95 9.89 -19.24
CA LEU A 175 1.50 10.07 -17.93
C LEU A 175 0.61 9.51 -16.82
N PHE A 176 -0.65 9.86 -16.84
CA PHE A 176 -1.53 9.34 -15.80
C PHE A 176 -1.61 7.80 -15.90
N ALA A 177 -1.70 7.25 -17.11
CA ALA A 177 -1.69 5.77 -17.24
C ALA A 177 -0.41 5.17 -16.68
N GLN A 178 0.71 5.82 -16.98
CA GLN A 178 1.99 5.37 -16.42
C GLN A 178 1.92 5.35 -14.92
N VAL A 179 1.32 6.39 -14.35
CA VAL A 179 1.24 6.51 -12.89
C VAL A 179 0.41 5.40 -12.26
N ASN A 180 -0.70 5.01 -12.87
CA ASN A 180 -1.48 3.94 -12.30
C ASN A 180 -0.77 2.63 -12.31
N CYS A 181 0.07 2.45 -13.34
CA CYS A 181 0.73 1.17 -13.62
C CYS A 181 1.98 1.07 -12.78
N ASN A 182 2.54 2.21 -12.30
CA ASN A 182 3.86 2.20 -11.63
C ASN A 182 4.01 2.94 -10.30
N GLY A 183 2.91 3.56 -9.85
CA GLY A 183 2.84 4.33 -8.64
C GLY A 183 2.75 3.40 -7.49
N PHE A 184 3.32 3.87 -6.37
CA PHE A 184 3.35 3.17 -5.10
C PHE A 184 2.54 3.93 -4.08
N THR A 185 2.06 3.24 -3.08
CA THR A 185 1.65 3.89 -1.83
C THR A 185 2.78 3.74 -0.83
N ILE A 186 2.99 4.74 0.02
CA ILE A 186 3.91 4.59 1.22
C ILE A 186 3.03 4.38 2.43
N GLU A 187 3.22 3.28 3.14
CA GLU A 187 2.49 2.91 4.35
C GLU A 187 3.44 2.76 5.55
N ASP A 188 2.93 2.96 6.75
CA ASP A 188 3.74 2.95 7.98
C ASP A 188 3.84 1.51 8.57
N GLU A 189 4.32 1.42 9.78
CA GLU A 189 4.63 0.13 10.42
C GLU A 189 3.34 -0.65 10.67
N GLU A 190 2.25 0.07 10.75
CA GLU A 190 0.97 -0.55 10.93
C GLU A 190 0.25 -0.70 9.57
N LEU A 191 0.93 -0.42 8.44
CA LEU A 191 0.28 -0.39 7.09
C LEU A 191 -0.83 0.67 6.94
N SER A 192 -0.82 1.66 7.80
CA SER A 192 -1.62 2.87 7.57
C SER A 192 -1.07 3.73 6.39
N HIS A 193 -1.93 4.25 5.52
CA HIS A 193 -1.50 5.00 4.37
C HIS A 193 -0.81 6.30 4.79
N LEU A 194 0.39 6.54 4.30
CA LEU A 194 1.02 7.85 4.56
C LEU A 194 1.05 8.75 3.35
N GLY A 195 1.03 8.17 2.16
CA GLY A 195 1.17 8.98 0.96
C GLY A 195 1.38 8.09 -0.25
N SER A 196 1.76 8.73 -1.33
CA SER A 196 1.96 8.03 -2.59
C SER A 196 3.25 8.55 -3.19
N ALA A 197 3.86 7.74 -4.02
CA ALA A 197 5.18 8.00 -4.58
C ALA A 197 5.51 7.27 -5.90
N ILE A 198 6.56 7.77 -6.57
CA ILE A 198 7.15 7.19 -7.73
C ILE A 198 8.53 6.70 -7.37
N PHE A 199 8.73 5.37 -7.53
CA PHE A 199 10.02 4.72 -7.32
C PHE A 199 10.32 3.98 -8.61
N PRO A 200 10.91 4.67 -9.58
CA PRO A 200 11.11 4.06 -10.87
C PRO A 200 11.92 2.73 -10.87
N ASP A 201 13.04 2.62 -10.17
CA ASP A 201 13.80 1.36 -10.20
C ASP A 201 13.09 0.22 -9.48
N VAL A 202 12.41 0.52 -8.39
CA VAL A 202 11.54 -0.46 -7.78
C VAL A 202 10.48 -0.92 -8.75
N ALA A 203 9.98 -0.03 -9.61
CA ALA A 203 8.86 -0.36 -10.51
C ALA A 203 9.21 -1.27 -11.67
N LEU A 204 10.50 -1.57 -11.83
CA LEU A 204 10.94 -2.47 -12.83
C LEU A 204 10.59 -3.86 -12.41
N MET A 205 10.26 -4.08 -11.12
CA MET A 205 10.09 -5.46 -10.62
C MET A 205 8.72 -5.94 -11.01
N ASN A 206 8.69 -7.12 -11.58
CA ASN A 206 7.45 -7.75 -11.88
C ASN A 206 6.88 -8.39 -10.63
N HIS A 207 5.62 -8.76 -10.73
CA HIS A 207 4.87 -9.34 -9.64
C HIS A 207 4.96 -10.86 -9.52
N SER A 208 4.73 -11.35 -8.29
CA SER A 208 4.40 -12.73 -7.94
C SER A 208 3.54 -12.82 -6.67
N CYS A 209 2.65 -13.82 -6.64
CA CYS A 209 1.83 -14.12 -5.46
C CYS A 209 2.69 -14.89 -4.37
N CYS A 210 3.91 -15.31 -4.70
CA CYS A 210 4.84 -15.80 -3.72
C CYS A 210 6.14 -15.09 -4.01
N PRO A 211 6.22 -13.81 -3.66
CA PRO A 211 7.35 -13.01 -4.02
C PRO A 211 8.62 -13.43 -3.32
N ASN A 212 9.76 -13.13 -3.91
CA ASN A 212 11.03 -13.37 -3.22
C ASN A 212 11.57 -12.11 -2.58
N VAL A 213 10.90 -10.99 -2.76
CA VAL A 213 11.28 -9.77 -2.03
C VAL A 213 10.08 -9.04 -1.47
N ILE A 214 10.37 -8.22 -0.46
CA ILE A 214 9.43 -7.28 0.08
C ILE A 214 10.01 -5.83 0.06
N VAL A 215 9.11 -4.90 -0.22
CA VAL A 215 9.45 -3.47 -0.36
C VAL A 215 8.99 -2.78 0.90
N THR A 216 9.90 -2.09 1.55
CA THR A 216 9.50 -1.24 2.67
C THR A 216 10.00 0.17 2.53
N TYR A 217 9.62 1.05 3.45
CA TYR A 217 9.96 2.49 3.27
C TYR A 217 10.60 3.01 4.52
N LYS A 218 11.61 3.81 4.31
CA LYS A 218 12.40 4.44 5.37
C LYS A 218 12.24 5.94 5.10
N GLY A 219 11.16 6.49 5.66
CA GLY A 219 10.76 7.84 5.26
C GLY A 219 10.23 7.79 3.84
N THR A 220 10.84 8.55 2.97
CA THR A 220 10.53 8.47 1.55
C THR A 220 11.48 7.59 0.71
N LEU A 221 12.39 6.85 1.34
CA LEU A 221 13.31 5.92 0.62
C LEU A 221 12.73 4.50 0.61
N ALA A 222 12.55 3.95 -0.57
CA ALA A 222 12.11 2.58 -0.75
C ALA A 222 13.30 1.66 -0.63
N GLU A 223 13.09 0.55 0.06
CA GLU A 223 14.12 -0.49 0.26
C GLU A 223 13.51 -1.84 -0.08
N VAL A 224 14.34 -2.66 -0.71
CA VAL A 224 13.93 -3.93 -1.24
C VAL A 224 14.77 -5.00 -0.59
N ARG A 225 14.10 -5.94 0.07
CA ARG A 225 14.80 -7.05 0.74
C ARG A 225 14.27 -8.44 0.45
N ALA A 226 15.19 -9.40 0.37
CA ALA A 226 14.80 -10.77 0.10
C ALA A 226 14.06 -11.44 1.25
N VAL A 227 12.96 -12.08 0.89
CA VAL A 227 12.20 -12.89 1.81
C VAL A 227 12.23 -14.39 1.45
N GLN A 228 13.01 -14.73 0.44
CA GLN A 228 13.35 -16.12 0.07
C GLN A 228 14.76 -15.99 -0.48
N GLU A 229 15.54 -17.06 -0.49
CA GLU A 229 16.90 -16.98 -1.03
C GLU A 229 16.82 -16.82 -2.54
N ILE A 230 17.74 -16.06 -3.10
CA ILE A 230 17.66 -15.65 -4.47
C ILE A 230 18.90 -16.08 -5.23
N LYS A 231 18.68 -16.86 -6.29
CA LYS A 231 19.77 -17.51 -6.92
C LYS A 231 20.05 -16.73 -8.17
N PRO A 232 21.34 -16.69 -8.58
CA PRO A 232 21.80 -16.07 -9.82
C PRO A 232 21.01 -16.56 -11.04
N GLY A 233 20.46 -15.62 -11.79
CA GLY A 233 19.64 -15.94 -12.94
C GLY A 233 18.16 -15.90 -12.68
N GLU A 234 17.70 -15.80 -11.45
CA GLU A 234 16.26 -15.78 -11.26
C GLU A 234 15.72 -14.34 -11.15
N GLU A 235 14.47 -14.20 -11.58
CA GLU A 235 13.78 -12.96 -11.60
C GLU A 235 13.40 -12.54 -10.19
N VAL A 236 13.60 -11.27 -9.89
CA VAL A 236 13.23 -10.66 -8.63
C VAL A 236 11.78 -10.27 -8.71
N PHE A 237 10.92 -10.85 -7.87
CA PHE A 237 9.51 -10.52 -7.86
C PHE A 237 9.07 -10.03 -6.53
N THR A 238 8.26 -8.97 -6.59
CA THR A 238 7.57 -8.46 -5.41
C THR A 238 6.08 -8.65 -5.61
N SER A 239 5.27 -8.50 -4.56
CA SER A 239 3.84 -8.46 -4.72
C SER A 239 3.26 -7.08 -4.84
N TYR A 240 2.31 -6.93 -5.79
CA TYR A 240 1.61 -5.66 -6.09
C TYR A 240 0.31 -5.57 -5.28
N ILE A 241 -0.08 -6.67 -4.65
CA ILE A 241 -1.36 -6.74 -4.01
C ILE A 241 -1.30 -7.48 -2.68
N ASP A 242 -2.42 -7.40 -1.97
CA ASP A 242 -2.59 -8.15 -0.74
C ASP A 242 -2.75 -9.63 -1.14
N LEU A 243 -1.97 -10.52 -0.52
CA LEU A 243 -1.90 -11.92 -0.89
C LEU A 243 -2.89 -12.82 -0.12
N LEU A 244 -3.80 -12.18 0.60
CA LEU A 244 -4.71 -12.89 1.46
C LEU A 244 -5.74 -13.68 0.68
N TYR A 245 -6.17 -13.11 -0.44
CA TYR A 245 -7.40 -13.53 -1.13
C TYR A 245 -7.20 -14.75 -2.01
N PRO A 246 -8.30 -15.35 -2.54
CA PRO A 246 -8.09 -16.53 -3.37
C PRO A 246 -7.54 -16.22 -4.73
N THR A 247 -7.26 -17.27 -5.51
CA THR A 247 -6.54 -17.05 -6.77
C THR A 247 -7.35 -16.23 -7.77
N GLU A 248 -8.66 -16.42 -7.81
CA GLU A 248 -9.51 -15.68 -8.72
C GLU A 248 -9.55 -14.18 -8.37
N ASP A 249 -9.77 -13.87 -7.09
CA ASP A 249 -9.89 -12.51 -6.61
C ASP A 249 -8.61 -11.70 -6.87
N ARG A 250 -7.48 -12.37 -6.71
CA ARG A 250 -6.19 -11.78 -6.99
C ARG A 250 -6.00 -11.50 -8.47
N ASN A 251 -6.36 -12.45 -9.32
CA ASN A 251 -6.16 -12.21 -10.74
C ASN A 251 -7.17 -11.16 -11.32
N ASP A 252 -8.40 -11.12 -10.80
CA ASP A 252 -9.27 -9.98 -11.14
C ASP A 252 -8.57 -8.66 -10.84
N ARG A 253 -7.88 -8.62 -9.71
CA ARG A 253 -7.14 -7.42 -9.36
C ARG A 253 -6.02 -7.10 -10.35
N LEU A 254 -5.17 -8.07 -10.62
CA LEU A 254 -3.98 -7.84 -11.44
C LEU A 254 -4.32 -7.48 -12.90
N ARG A 255 -5.32 -8.16 -13.46
CA ARG A 255 -5.78 -7.80 -14.80
C ARG A 255 -6.38 -6.38 -14.88
N ASP A 256 -7.21 -6.06 -13.90
CA ASP A 256 -7.79 -4.74 -13.78
C ASP A 256 -6.81 -3.57 -13.52
N SER A 257 -5.85 -3.76 -12.60
CA SER A 257 -4.94 -2.67 -12.35
C SER A 257 -3.71 -2.66 -13.26
N TYR A 258 -3.30 -3.81 -13.78
CA TYR A 258 -1.94 -4.00 -14.35
C TYR A 258 -1.91 -4.85 -15.62
N PHE A 259 -3.08 -5.26 -16.08
CA PHE A 259 -3.21 -5.90 -17.42
C PHE A 259 -2.29 -7.10 -17.64
N PHE A 260 -2.22 -7.94 -16.63
CA PHE A 260 -1.59 -9.26 -16.78
C PHE A 260 -2.18 -10.22 -15.78
N THR A 261 -2.08 -11.49 -16.16
CA THR A 261 -2.45 -12.65 -15.33
C THR A 261 -1.20 -13.37 -14.84
N CYS A 262 -1.26 -13.60 -13.48
CA CYS A 262 -0.08 -14.13 -12.85
C CYS A 262 -0.06 -15.60 -13.19
N GLU A 263 1.17 -16.11 -13.40
CA GLU A 263 1.44 -17.52 -13.60
C GLU A 263 2.44 -18.04 -12.56
N CYS A 264 2.49 -17.41 -11.38
CA CYS A 264 3.41 -17.85 -10.30
C CYS A 264 2.93 -19.20 -9.78
N GLN A 265 3.76 -19.84 -8.96
CA GLN A 265 3.44 -21.20 -8.48
C GLN A 265 2.11 -21.15 -7.71
N GLU A 266 1.85 -20.03 -7.08
CA GLU A 266 0.69 -19.99 -6.22
C GLU A 266 -0.63 -19.92 -7.01
N CYS A 267 -0.58 -19.15 -8.07
CA CYS A 267 -1.72 -18.77 -8.86
C CYS A 267 -1.99 -20.12 -9.77
N THR A 268 -0.89 -20.83 -10.10
CA THR A 268 -0.91 -22.16 -10.78
C THR A 268 -1.44 -23.38 -10.01
N THR A 269 -0.73 -23.81 -8.95
CA THR A 269 -1.17 -24.95 -8.17
C THR A 269 -2.44 -24.61 -7.41
N LYS A 270 -2.55 -23.38 -6.93
CA LYS A 270 -3.77 -22.98 -6.25
C LYS A 270 -3.91 -23.67 -4.88
N ASP A 271 -2.72 -24.08 -4.37
CA ASP A 271 -2.65 -24.91 -3.16
C ASP A 271 -3.25 -24.25 -1.90
N LYS A 272 -3.26 -22.92 -1.83
CA LYS A 272 -3.81 -22.24 -0.63
C LYS A 272 -5.29 -21.83 -0.75
N ASP A 273 -5.91 -22.08 -1.90
CA ASP A 273 -7.31 -21.67 -2.11
C ASP A 273 -8.32 -22.34 -1.21
N LYS A 274 -8.29 -23.68 -1.14
CA LYS A 274 -9.29 -24.37 -0.33
C LYS A 274 -9.34 -23.84 1.10
N ALA A 275 -8.20 -23.75 1.77
CA ALA A 275 -8.16 -23.15 3.11
C ALA A 275 -8.68 -21.67 3.23
N LYS A 276 -8.33 -20.79 2.28
CA LYS A 276 -8.85 -19.42 2.30
C LYS A 276 -10.40 -19.36 2.27
N VAL A 277 -11.02 -20.37 1.67
CA VAL A 277 -12.48 -20.43 1.60
C VAL A 277 -13.08 -21.58 2.48
N GLU A 278 -12.47 -21.77 3.65
CA GLU A 278 -12.87 -22.76 4.66
C GLU A 278 -14.38 -22.72 4.96
N ILE A 279 -15.01 -23.88 4.89
CA ILE A 279 -16.45 -23.95 5.12
C ILE A 279 -16.81 -24.79 6.34
N ARG A 280 -17.89 -24.40 7.00
CA ARG A 280 -18.26 -24.97 8.28
C ARG A 280 -18.84 -26.40 8.09
N LYS A 281 -18.57 -27.27 9.06
CA LYS A 281 -18.98 -28.70 8.94
C LYS A 281 -20.30 -28.93 9.65
N LEU A 282 -21.40 -28.85 8.93
CA LEU A 282 -22.68 -28.99 9.58
C LEU A 282 -23.11 -30.39 9.22
N SER A 283 -23.62 -31.15 10.15
CA SER A 283 -23.85 -32.56 9.86
C SER A 283 -24.15 -32.74 8.39
N ASP A 284 -25.22 -32.11 7.89
CA ASP A 284 -25.41 -32.01 6.45
C ASP A 284 -24.93 -30.70 5.90
N PRO A 285 -23.81 -30.75 5.14
CA PRO A 285 -23.16 -29.56 4.65
C PRO A 285 -24.06 -28.65 3.84
N PRO A 286 -23.61 -27.41 3.63
CA PRO A 286 -24.33 -26.60 2.67
C PRO A 286 -23.90 -27.04 1.28
N LYS A 287 -24.85 -27.10 0.34
CA LYS A 287 -24.53 -27.42 -1.07
C LYS A 287 -23.78 -26.25 -1.79
N ALA A 288 -23.31 -26.49 -3.02
CA ALA A 288 -22.46 -25.53 -3.74
C ALA A 288 -23.21 -24.29 -4.21
N GLU A 289 -24.46 -24.47 -4.57
CA GLU A 289 -25.38 -23.35 -4.90
C GLU A 289 -25.28 -22.29 -3.80
N ALA A 290 -25.54 -22.76 -2.57
CA ALA A 290 -25.55 -21.95 -1.37
C ALA A 290 -24.29 -21.17 -1.21
N ILE A 291 -23.16 -21.86 -1.34
CA ILE A 291 -21.83 -21.35 -1.17
C ILE A 291 -21.58 -20.15 -2.07
N ARG A 292 -21.95 -20.31 -3.33
CA ARG A 292 -21.74 -19.28 -4.33
C ARG A 292 -22.46 -18.02 -3.87
N ASP A 293 -23.69 -18.21 -3.39
CA ASP A 293 -24.51 -17.13 -2.88
C ASP A 293 -23.85 -16.47 -1.65
N MET A 294 -23.22 -17.23 -0.76
CA MET A 294 -22.41 -16.55 0.29
C MET A 294 -21.21 -15.84 -0.28
N VAL A 295 -20.48 -16.50 -1.18
CA VAL A 295 -19.22 -15.94 -1.68
C VAL A 295 -19.53 -14.64 -2.42
N ARG A 296 -20.46 -14.72 -3.38
CA ARG A 296 -20.91 -13.55 -4.11
C ARG A 296 -21.43 -12.50 -3.15
N TYR A 297 -22.25 -12.90 -2.17
CA TYR A 297 -22.73 -11.94 -1.16
C TYR A 297 -21.60 -11.27 -0.41
N ALA A 298 -20.51 -12.00 -0.16
CA ALA A 298 -19.34 -11.48 0.59
C ALA A 298 -18.59 -10.43 -0.16
N ARG A 299 -18.17 -10.79 -1.38
CA ARG A 299 -17.36 -9.91 -2.22
C ARG A 299 -18.20 -8.66 -2.47
N ASN A 300 -19.41 -8.93 -2.89
CA ASN A 300 -20.43 -7.90 -3.03
C ASN A 300 -20.40 -6.93 -1.86
N VAL A 301 -20.55 -7.47 -0.65
CA VAL A 301 -20.48 -6.66 0.57
C VAL A 301 -19.16 -5.93 0.64
N ILE A 302 -18.05 -6.62 0.40
CA ILE A 302 -16.73 -5.97 0.44
C ILE A 302 -16.75 -4.70 -0.40
N GLU A 303 -17.32 -4.79 -1.60
CA GLU A 303 -17.47 -3.62 -2.48
C GLU A 303 -18.37 -2.54 -1.87
N GLU A 304 -19.38 -2.97 -1.11
CA GLU A 304 -20.32 -2.03 -0.52
C GLU A 304 -19.77 -1.40 0.75
N PHE A 305 -18.83 -2.07 1.39
CA PHE A 305 -18.22 -1.52 2.56
C PHE A 305 -17.15 -0.51 2.15
N ARG A 306 -16.52 -0.75 1.00
CA ARG A 306 -15.58 0.22 0.41
C ARG A 306 -16.24 1.61 0.53
N ARG A 307 -17.56 1.62 0.32
CA ARG A 307 -18.40 2.82 0.26
C ARG A 307 -18.63 3.58 1.54
N ALA A 308 -19.31 2.95 2.48
CA ALA A 308 -19.79 3.63 3.67
C ALA A 308 -18.69 4.39 4.43
N LYS A 309 -17.44 3.92 4.33
CA LYS A 309 -16.29 4.67 4.83
C LYS A 309 -16.30 6.08 4.23
N HIS A 310 -16.58 6.18 2.92
CA HIS A 310 -16.74 7.48 2.24
C HIS A 310 -17.69 8.44 2.99
N TYR A 311 -18.52 7.94 3.93
CA TYR A 311 -19.45 8.84 4.65
C TYR A 311 -20.13 8.31 5.95
N LYS A 312 -20.48 7.02 6.03
CA LYS A 312 -21.26 6.47 7.17
C LYS A 312 -20.59 6.58 8.52
N SER A 313 -21.38 6.50 9.57
CA SER A 313 -20.83 6.63 10.91
C SER A 313 -20.00 5.42 11.26
N PRO A 314 -19.02 5.60 12.15
CA PRO A 314 -18.35 4.42 12.66
C PRO A 314 -19.40 3.46 13.25
N SER A 315 -20.37 4.00 13.99
CA SER A 315 -21.46 3.22 14.59
C SER A 315 -22.14 2.29 13.58
N GLU A 316 -22.36 2.81 12.39
CA GLU A 316 -23.10 2.12 11.34
C GLU A 316 -22.19 1.35 10.39
N LEU A 317 -20.91 1.68 10.32
CA LEU A 317 -19.95 0.83 9.61
C LEU A 317 -19.69 -0.45 10.40
N LEU A 318 -19.62 -0.27 11.70
CA LEU A 318 -19.45 -1.35 12.64
C LEU A 318 -20.67 -2.26 12.48
N GLU A 319 -21.85 -1.65 12.51
CA GLU A 319 -23.09 -2.37 12.37
C GLU A 319 -23.10 -3.23 11.11
N ILE A 320 -22.56 -2.76 10.00
CA ILE A 320 -22.71 -3.60 8.80
C ILE A 320 -21.76 -4.77 8.93
N CYS A 321 -20.60 -4.56 9.57
CA CYS A 321 -19.62 -5.62 9.69
C CYS A 321 -20.20 -6.78 10.48
N GLU A 322 -20.92 -6.47 11.54
CA GLU A 322 -21.47 -7.51 12.39
C GLU A 322 -22.57 -8.31 11.68
N LEU A 323 -23.49 -7.61 11.01
CA LEU A 323 -24.59 -8.24 10.27
C LEU A 323 -24.02 -9.13 9.17
N SER A 324 -22.99 -8.61 8.49
CA SER A 324 -22.42 -9.33 7.36
C SER A 324 -21.77 -10.59 7.92
N GLN A 325 -21.10 -10.44 9.05
CA GLN A 325 -20.46 -11.59 9.70
C GLN A 325 -21.46 -12.63 10.19
N GLU A 326 -22.49 -12.18 10.90
CA GLU A 326 -23.63 -13.01 11.31
C GLU A 326 -24.16 -13.89 10.16
N LYS A 327 -24.55 -13.23 9.06
CA LYS A 327 -25.12 -13.87 7.86
C LYS A 327 -24.18 -14.93 7.35
N MET A 328 -22.97 -14.46 7.18
CA MET A 328 -21.93 -15.15 6.46
C MET A 328 -21.51 -16.42 7.20
N SER A 329 -21.51 -16.33 8.53
CA SER A 329 -20.99 -17.38 9.37
C SER A 329 -21.91 -18.58 9.35
N SER A 330 -23.11 -18.41 8.78
CA SER A 330 -24.05 -19.52 8.53
C SER A 330 -23.36 -20.69 7.86
N VAL A 331 -22.40 -20.37 6.99
CA VAL A 331 -21.71 -21.35 6.17
C VAL A 331 -20.17 -21.20 6.19
N PHE A 332 -19.62 -20.01 6.52
CA PHE A 332 -18.17 -19.78 6.59
C PHE A 332 -17.57 -19.94 8.00
N GLU A 333 -16.40 -20.57 8.08
CA GLU A 333 -15.64 -20.63 9.35
C GLU A 333 -15.01 -19.28 9.66
N ASP A 334 -14.65 -18.95 10.91
CA ASP A 334 -13.98 -17.64 11.20
C ASP A 334 -12.63 -17.48 10.49
N SER A 335 -11.99 -18.62 10.21
N SER A 335 -11.96 -18.61 10.20
CA SER A 335 -10.71 -18.66 9.46
CA SER A 335 -10.71 -18.59 9.46
C SER A 335 -10.85 -18.30 7.97
C SER A 335 -10.86 -18.23 7.97
N ASN A 336 -12.09 -18.28 7.48
CA ASN A 336 -12.42 -17.87 6.10
C ASN A 336 -12.10 -16.38 5.89
N VAL A 337 -11.46 -16.07 4.75
CA VAL A 337 -10.90 -14.73 4.48
CA VAL A 337 -10.89 -14.72 4.50
C VAL A 337 -11.99 -13.68 4.43
N TYR A 338 -13.14 -14.04 3.84
CA TYR A 338 -14.27 -13.13 3.77
C TYR A 338 -14.71 -12.79 5.18
N MET A 339 -14.66 -13.75 6.09
CA MET A 339 -14.91 -13.44 7.49
C MET A 339 -13.71 -12.54 8.00
N LEU A 340 -12.48 -12.88 7.62
CA LEU A 340 -11.30 -12.08 8.11
C LEU A 340 -11.30 -10.63 7.64
N HIS A 341 -11.75 -10.42 6.41
CA HIS A 341 -11.89 -9.07 5.88
C HIS A 341 -12.79 -8.24 6.78
N MET A 342 -14.01 -8.70 7.00
CA MET A 342 -14.93 -7.87 7.76
C MET A 342 -14.42 -7.74 9.20
N MET A 343 -13.80 -8.78 9.77
CA MET A 343 -13.20 -8.64 11.08
C MET A 343 -12.17 -7.53 11.06
N TYR A 344 -11.31 -7.53 10.04
CA TYR A 344 -10.24 -6.51 9.88
C TYR A 344 -10.84 -5.10 9.81
N GLN A 345 -11.76 -4.92 8.87
CA GLN A 345 -12.47 -3.65 8.72
C GLN A 345 -13.11 -3.18 10.03
N ALA A 346 -13.72 -4.12 10.79
CA ALA A 346 -14.38 -3.80 12.07
C ALA A 346 -13.35 -3.39 13.10
N MET A 347 -12.21 -4.05 13.06
CA MET A 347 -11.08 -3.69 13.92
C MET A 347 -10.64 -2.27 13.64
N GLY A 348 -10.53 -1.91 12.37
CA GLY A 348 -10.21 -0.53 11.96
C GLY A 348 -11.23 0.45 12.54
N VAL A 349 -12.52 0.13 12.38
CA VAL A 349 -13.53 1.01 12.95
C VAL A 349 -13.31 1.13 14.46
N CYS A 350 -13.11 0.00 15.13
CA CYS A 350 -12.95 -0.02 16.59
C CYS A 350 -11.79 0.85 17.03
N LEU A 351 -10.67 0.78 16.33
CA LEU A 351 -9.50 1.59 16.67
C LEU A 351 -9.80 3.08 16.48
N TYR A 352 -10.59 3.44 15.48
CA TYR A 352 -10.88 4.87 15.27
C TYR A 352 -11.68 5.46 16.44
N MET A 353 -12.52 4.63 17.06
CA MET A 353 -13.34 5.05 18.20
C MET A 353 -12.59 4.99 19.52
N GLN A 354 -11.29 4.72 19.46
CA GLN A 354 -10.50 4.38 20.62
C GLN A 354 -11.17 3.23 21.45
N ASP A 355 -11.93 2.35 20.76
CA ASP A 355 -12.45 1.10 21.32
C ASP A 355 -11.39 -0.01 21.29
N TRP A 356 -10.47 0.10 22.23
CA TRP A 356 -9.33 -0.79 22.31
C TRP A 356 -9.75 -2.26 22.49
N GLU A 357 -10.60 -2.53 23.48
CA GLU A 357 -10.93 -3.93 23.81
C GLU A 357 -11.63 -4.62 22.64
N GLY A 358 -12.46 -3.89 21.91
CA GLY A 358 -13.17 -4.45 20.78
C GLY A 358 -12.23 -4.64 19.60
N ALA A 359 -11.32 -3.67 19.41
CA ALA A 359 -10.21 -3.88 18.49
C ALA A 359 -9.43 -5.13 18.84
N LEU A 360 -9.13 -5.31 20.12
CA LEU A 360 -8.38 -6.49 20.54
C LEU A 360 -9.08 -7.82 20.25
N GLN A 361 -10.41 -7.89 20.35
CA GLN A 361 -11.14 -9.16 20.15
C GLN A 361 -11.07 -9.57 18.72
N TYR A 362 -11.21 -8.61 17.81
CA TYR A 362 -11.14 -8.96 16.40
C TYR A 362 -9.68 -9.38 16.10
N GLY A 363 -8.71 -8.65 16.67
CA GLY A 363 -7.32 -8.93 16.41
C GLY A 363 -6.97 -10.35 16.78
N GLN A 364 -7.52 -10.83 17.89
CA GLN A 364 -7.13 -12.10 18.38
C GLN A 364 -7.66 -13.19 17.46
N LYS A 365 -8.86 -12.95 16.88
CA LYS A 365 -9.49 -13.89 15.97
C LYS A 365 -8.78 -13.88 14.61
N ILE A 366 -8.18 -12.76 14.25
CA ILE A 366 -7.59 -12.67 12.93
C ILE A 366 -6.20 -13.26 12.78
N ILE A 367 -5.36 -13.12 13.80
CA ILE A 367 -3.90 -13.32 13.64
C ILE A 367 -3.53 -14.74 13.23
N LYS A 368 -4.15 -15.73 13.84
CA LYS A 368 -3.73 -17.09 13.55
C LYS A 368 -4.05 -17.48 12.06
N PRO A 369 -5.27 -17.20 11.55
CA PRO A 369 -5.48 -17.38 10.10
C PRO A 369 -4.54 -16.57 9.17
N TYR A 370 -4.33 -15.26 9.45
CA TYR A 370 -3.32 -14.52 8.76
C TYR A 370 -2.00 -15.28 8.61
N SER A 371 -1.52 -15.91 9.68
CA SER A 371 -0.26 -16.62 9.63
C SER A 371 -0.38 -17.81 8.75
N LYS A 372 -1.57 -18.41 8.67
CA LYS A 372 -1.73 -19.52 7.74
C LYS A 372 -1.71 -19.03 6.29
N HIS A 373 -2.47 -17.95 6.05
CA HIS A 373 -2.85 -17.65 4.72
C HIS A 373 -1.78 -16.87 4.05
N TYR A 374 -1.07 -16.02 4.79
CA TYR A 374 -0.05 -15.20 4.16
C TYR A 374 1.22 -15.95 4.04
N PRO A 375 2.17 -15.46 3.25
CA PRO A 375 3.43 -16.17 3.29
C PRO A 375 4.22 -15.96 4.62
N LEU A 376 5.40 -16.54 4.66
CA LEU A 376 6.24 -16.64 5.87
C LEU A 376 6.58 -15.24 6.36
N TYR A 377 6.91 -14.35 5.43
CA TYR A 377 7.32 -12.99 5.81
C TYR A 377 6.30 -12.16 5.08
N SER A 378 5.52 -11.40 5.83
CA SER A 378 4.36 -10.70 5.33
C SER A 378 4.26 -9.47 6.11
N LEU A 379 4.22 -8.33 5.44
CA LEU A 379 3.92 -7.08 6.15
C LEU A 379 2.54 -7.09 6.85
N ASN A 380 1.56 -7.79 6.24
CA ASN A 380 0.24 -7.88 6.85
C ASN A 380 0.24 -8.62 8.22
N VAL A 381 0.95 -9.72 8.27
CA VAL A 381 1.09 -10.51 9.51
C VAL A 381 1.85 -9.67 10.56
N ALA A 382 2.96 -9.07 10.13
CA ALA A 382 3.79 -8.29 11.02
C ALA A 382 3.00 -7.15 11.60
N SER A 383 2.21 -6.46 10.78
CA SER A 383 1.51 -5.26 11.27
C SER A 383 0.33 -5.67 12.13
N MET A 384 -0.21 -6.87 11.90
CA MET A 384 -1.25 -7.37 12.81
C MET A 384 -0.69 -7.72 14.20
N TRP A 385 0.48 -8.38 14.27
CA TRP A 385 1.13 -8.65 15.55
C TRP A 385 1.44 -7.37 16.27
N LEU A 386 1.91 -6.40 15.51
CA LEU A 386 2.30 -5.09 16.06
C LEU A 386 1.08 -4.41 16.67
N LYS A 387 -0.04 -4.40 15.94
CA LYS A 387 -1.24 -3.85 16.49
C LYS A 387 -1.74 -4.61 17.74
N LEU A 388 -1.76 -5.92 17.65
CA LEU A 388 -2.08 -6.74 18.84
C LEU A 388 -1.18 -6.32 20.03
N GLY A 389 0.13 -6.29 19.81
CA GLY A 389 1.04 -5.97 20.92
C GLY A 389 0.81 -4.59 21.48
N ARG A 390 0.50 -3.59 20.63
CA ARG A 390 0.25 -2.23 21.19
C ARG A 390 -1.07 -2.20 21.92
N LEU A 391 -2.03 -2.97 21.47
CA LEU A 391 -3.27 -3.04 22.24
C LEU A 391 -3.07 -3.72 23.59
N TYR A 392 -2.37 -4.85 23.63
CA TYR A 392 -2.09 -5.54 24.90
C TYR A 392 -1.32 -4.61 25.84
N MET A 393 -0.26 -3.98 25.34
CA MET A 393 0.50 -3.02 26.17
C MET A 393 -0.35 -1.89 26.69
N GLY A 394 -1.25 -1.37 25.85
CA GLY A 394 -2.22 -0.36 26.26
C GLY A 394 -3.14 -0.82 27.36
N LEU A 395 -3.57 -2.06 27.33
CA LEU A 395 -4.36 -2.58 28.47
C LEU A 395 -3.48 -3.17 29.60
N GLU A 396 -2.16 -3.01 29.53
CA GLU A 396 -1.24 -3.51 30.54
C GLU A 396 -1.25 -5.06 30.69
N HIS A 397 -1.40 -5.74 29.58
CA HIS A 397 -1.12 -7.15 29.47
C HIS A 397 0.31 -7.31 29.00
N LYS A 398 1.23 -6.94 29.87
CA LYS A 398 2.63 -6.89 29.49
C LYS A 398 3.15 -8.18 28.91
N ALA A 399 2.84 -9.33 29.50
CA ALA A 399 3.42 -10.53 28.98
C ALA A 399 2.92 -10.84 27.56
N ALA A 400 1.62 -10.73 27.29
CA ALA A 400 1.09 -10.99 25.95
C ALA A 400 1.55 -9.90 24.96
N GLY A 401 1.72 -8.69 25.45
CA GLY A 401 2.12 -7.60 24.58
C GLY A 401 3.54 -7.84 24.13
N GLU A 402 4.40 -8.11 25.09
CA GLU A 402 5.77 -8.49 24.77
C GLU A 402 5.88 -9.64 23.72
N LYS A 403 5.08 -10.66 23.86
CA LYS A 403 5.18 -11.73 22.96
C LYS A 403 4.77 -11.30 21.56
N ALA A 404 3.68 -10.53 21.44
CA ALA A 404 3.20 -10.13 20.14
C ALA A 404 4.17 -9.15 19.49
N LEU A 405 4.75 -8.25 20.28
CA LEU A 405 5.69 -7.26 19.70
C LEU A 405 6.91 -7.94 19.22
N LYS A 406 7.32 -9.01 19.91
CA LYS A 406 8.44 -9.84 19.48
C LYS A 406 8.17 -10.60 18.21
N LYS A 407 6.97 -11.07 18.01
CA LYS A 407 6.62 -11.71 16.72
C LYS A 407 6.69 -10.72 15.53
N ALA A 408 6.32 -9.46 15.77
CA ALA A 408 6.36 -8.47 14.72
C ALA A 408 7.80 -8.17 14.42
N ILE A 409 8.60 -7.97 15.46
CA ILE A 409 10.03 -7.70 15.23
C ILE A 409 10.67 -8.84 14.42
N ALA A 410 10.34 -10.09 14.70
CA ALA A 410 11.00 -11.17 14.03
C ALA A 410 10.78 -11.07 12.53
N ILE A 411 9.57 -10.69 12.10
CA ILE A 411 9.30 -10.49 10.71
C ILE A 411 9.97 -9.20 10.20
N MET A 412 9.95 -8.15 10.98
CA MET A 412 10.36 -6.86 10.46
C MET A 412 11.84 -6.85 10.29
N GLU A 413 12.56 -7.63 11.13
CA GLU A 413 13.97 -7.65 10.98
C GLU A 413 14.34 -8.12 9.61
N VAL A 414 13.56 -9.06 9.06
CA VAL A 414 13.84 -9.57 7.74
C VAL A 414 13.44 -8.49 6.70
N ALA A 415 12.22 -7.98 6.84
CA ALA A 415 11.62 -7.15 5.78
C ALA A 415 12.08 -5.72 5.80
N HIS A 416 12.26 -5.11 6.97
CA HIS A 416 12.66 -3.72 7.11
C HIS A 416 14.15 -3.57 7.40
N GLY A 417 14.81 -4.69 7.70
CA GLY A 417 16.20 -4.63 8.19
C GLY A 417 16.35 -4.50 9.71
N LYS A 418 17.35 -5.17 10.28
CA LYS A 418 17.62 -5.10 11.75
C LYS A 418 17.76 -3.70 12.36
N ASP A 419 18.21 -2.75 11.55
CA ASP A 419 18.46 -1.41 12.00
C ASP A 419 17.34 -0.43 11.65
N HIS A 420 16.16 -0.88 11.23
CA HIS A 420 15.20 0.10 10.77
C HIS A 420 14.73 0.86 11.98
N PRO A 421 14.44 2.14 11.82
CA PRO A 421 13.98 2.86 13.01
C PRO A 421 12.70 2.33 13.72
N TYR A 422 11.77 1.77 12.99
CA TYR A 422 10.63 1.08 13.56
C TYR A 422 11.06 -0.03 14.56
N ILE A 423 12.13 -0.77 14.28
CA ILE A 423 12.53 -1.89 15.15
C ILE A 423 12.94 -1.27 16.48
N SER A 424 13.73 -0.23 16.33
CA SER A 424 14.19 0.48 17.46
C SER A 424 13.03 0.95 18.35
N GLU A 425 12.02 1.56 17.73
CA GLU A 425 10.80 2.02 18.43
C GLU A 425 10.10 0.88 19.15
N ILE A 426 9.97 -0.22 18.48
CA ILE A 426 9.15 -1.31 18.99
C ILE A 426 9.86 -1.99 20.16
N LYS A 427 11.20 -2.15 20.07
CA LYS A 427 12.02 -2.68 21.15
C LYS A 427 11.91 -1.87 22.44
N GLN A 428 12.02 -0.55 22.32
CA GLN A 428 11.77 0.35 23.45
C GLN A 428 10.36 0.04 24.00
N GLU A 429 9.39 -0.21 23.14
CA GLU A 429 8.04 -0.39 23.63
C GLU A 429 7.91 -1.70 24.43
N ILE A 430 8.86 -2.64 24.33
CA ILE A 430 8.71 -3.96 24.97
C ILE A 430 8.90 -3.71 26.45
N GLU A 431 7.94 -2.95 27.01
CA GLU A 431 8.06 -2.17 28.25
C GLU A 431 6.76 -1.44 28.52
#